data_1AGC
#
_entry.id   1AGC
#
_cell.length_a   50.400
_cell.length_b   80.900
_cell.length_c   109.200
_cell.angle_alpha   90.00
_cell.angle_beta   90.00
_cell.angle_gamma   90.00
#
_symmetry.space_group_name_H-M   'P 21 21 21'
#
loop_
_entity.id
_entity.type
_entity.pdbx_description
1 polymer B*0801
2 polymer 'BETA-2 MICROGLOBULIN'
3 polymer 'HIV-1 GAG PEPTIDE (GGKKKYQL - 7Q MUTATION)'
4 water water
#
loop_
_entity_poly.entity_id
_entity_poly.type
_entity_poly.pdbx_seq_one_letter_code
_entity_poly.pdbx_strand_id
1 'polypeptide(L)'
;GSHSMRYFDTAMSRPGRGEPRFISVGYVDDTQFVRFDSDAASPREEPRAPWIEQEGPEYWDRNTQIFKTNTQTDRESLRN
LRGYYNQSEAGSHTLQSMYGCDVGPDGRLLRGHNQYAYDGKDYIALNEDLRSWTAADTAAQITQRKWEAARVAEQDRAYL
EGTCVEWLRRYLENGKDTLERADPPKTHVTHHPISDHEATLRCWALGFYPAEITLTWQRDGEDQTQDTELVETRPAGDRT
FQKWAAVVVPSGEEQRYTCHVQHEGLPKPLTLRWEP
;
A
2 'polypeptide(L)'
;IQRTPKIQVYSRHPAENGKSNFLNCYVSGFHPSDIEVDLLKNGERIEKVEHSDLSFSKDWSFYLLYYTEFTPTEKDEYAC
RVNHVTLSQPKIVKWDRDM
;
B
3 'polypeptide(L)' GGKKKYQL C
#
# COMPACT_ATOMS: atom_id res chain seq x y z
N GLY A 1 -1.61 -4.48 -21.03
CA GLY A 1 -2.00 -5.24 -19.80
C GLY A 1 -2.95 -4.44 -18.92
N SER A 2 -3.64 -5.11 -18.00
CA SER A 2 -4.59 -4.43 -17.13
C SER A 2 -4.74 -4.95 -15.69
N HIS A 3 -4.24 -6.14 -15.38
CA HIS A 3 -4.37 -6.68 -14.01
C HIS A 3 -3.16 -7.33 -13.40
N SER A 4 -3.12 -7.32 -12.07
CA SER A 4 -2.02 -7.92 -11.35
C SER A 4 -2.45 -8.58 -10.05
N MET A 5 -1.82 -9.70 -9.72
CA MET A 5 -2.08 -10.33 -8.45
C MET A 5 -0.73 -10.23 -7.74
N ARG A 6 -0.74 -9.89 -6.45
CA ARG A 6 0.50 -9.79 -5.70
C ARG A 6 0.33 -10.17 -4.22
N TYR A 7 1.35 -10.82 -3.65
CA TYR A 7 1.36 -11.15 -2.22
C TYR A 7 2.47 -10.36 -1.53
N PHE A 8 2.10 -9.68 -0.45
CA PHE A 8 3.04 -8.87 0.31
C PHE A 8 3.28 -9.53 1.69
N ASP A 9 4.45 -10.15 1.86
CA ASP A 9 4.83 -10.85 3.08
C ASP A 9 5.86 -10.09 3.86
N THR A 10 5.61 -9.99 5.16
CA THR A 10 6.51 -9.32 6.07
C THR A 10 6.78 -10.30 7.22
N ALA A 11 8.06 -10.56 7.49
CA ALA A 11 8.48 -11.41 8.61
C ALA A 11 9.39 -10.50 9.42
N MET A 12 9.10 -10.35 10.69
CA MET A 12 9.87 -9.47 11.53
C MET A 12 10.26 -10.16 12.84
N SER A 13 11.56 -10.23 13.10
CA SER A 13 12.05 -10.86 14.31
C SER A 13 11.87 -9.88 15.47
N ARG A 14 11.71 -10.42 16.67
CA ARG A 14 11.53 -9.58 17.84
C ARG A 14 12.13 -10.37 18.99
N PRO A 15 13.48 -10.40 19.09
CA PRO A 15 14.15 -11.14 20.17
C PRO A 15 13.61 -10.78 21.58
N GLY A 16 13.26 -11.81 22.34
CA GLY A 16 12.74 -11.59 23.66
C GLY A 16 11.23 -11.51 23.69
N ARG A 17 10.60 -11.41 22.51
CA ARG A 17 9.15 -11.30 22.40
C ARG A 17 8.55 -12.33 21.48
N GLY A 18 9.10 -13.53 21.50
CA GLY A 18 8.56 -14.59 20.70
C GLY A 18 9.18 -14.76 19.33
N GLU A 19 8.61 -15.71 18.59
CA GLU A 19 9.05 -16.04 17.24
C GLU A 19 8.74 -14.88 16.28
N PRO A 20 9.50 -14.75 15.17
CA PRO A 20 9.23 -13.64 14.24
C PRO A 20 7.80 -13.64 13.73
N ARG A 21 7.17 -12.48 13.77
CA ARG A 21 5.82 -12.39 13.27
C ARG A 21 5.85 -12.40 11.75
N PHE A 22 4.98 -13.22 11.17
CA PHE A 22 4.83 -13.33 9.74
C PHE A 22 3.41 -12.94 9.29
N ILE A 23 3.34 -11.99 8.37
CA ILE A 23 2.05 -11.63 7.81
C ILE A 23 2.11 -11.55 6.28
N SER A 24 1.11 -12.15 5.65
CA SER A 24 0.98 -12.15 4.22
C SER A 24 -0.39 -11.60 3.81
N VAL A 25 -0.39 -10.60 2.95
CA VAL A 25 -1.65 -10.06 2.42
C VAL A 25 -1.67 -10.21 0.90
N GLY A 26 -2.78 -10.71 0.39
CA GLY A 26 -2.89 -10.90 -1.05
C GLY A 26 -3.74 -9.82 -1.68
N TYR A 27 -3.33 -9.33 -2.85
CA TYR A 27 -4.04 -8.30 -3.60
C TYR A 27 -4.29 -8.62 -5.08
N VAL A 28 -5.39 -8.10 -5.60
CA VAL A 28 -5.67 -8.15 -7.04
C VAL A 28 -5.77 -6.65 -7.27
N ASP A 29 -4.77 -6.11 -7.97
CA ASP A 29 -4.68 -4.69 -8.21
C ASP A 29 -4.63 -4.01 -6.85
N ASP A 30 -5.56 -3.11 -6.56
CA ASP A 30 -5.56 -2.39 -5.30
C ASP A 30 -6.66 -2.89 -4.35
N THR A 31 -7.08 -4.14 -4.53
CA THR A 31 -8.10 -4.72 -3.69
C THR A 31 -7.47 -5.88 -2.89
N GLN A 32 -7.37 -5.72 -1.57
CA GLN A 32 -6.81 -6.80 -0.77
C GLN A 32 -7.88 -7.91 -0.73
N PHE A 33 -7.51 -9.18 -0.91
CA PHE A 33 -8.53 -10.21 -0.87
C PHE A 33 -8.31 -11.26 0.21
N VAL A 34 -7.08 -11.33 0.74
CA VAL A 34 -6.74 -12.28 1.81
C VAL A 34 -5.65 -11.71 2.69
N ARG A 35 -5.57 -12.29 3.89
CA ARG A 35 -4.53 -11.97 4.87
C ARG A 35 -4.29 -13.21 5.71
N PHE A 36 -3.03 -13.38 6.10
CA PHE A 36 -2.63 -14.45 7.00
C PHE A 36 -1.67 -13.77 7.97
N ASP A 37 -1.89 -13.98 9.25
CA ASP A 37 -1.06 -13.37 10.29
C ASP A 37 -0.72 -14.45 11.29
N SER A 38 0.57 -14.71 11.52
CA SER A 38 0.95 -15.76 12.47
C SER A 38 0.59 -15.36 13.91
N ASP A 39 0.34 -14.06 14.11
CA ASP A 39 -0.07 -13.50 15.41
C ASP A 39 -1.59 -13.54 15.68
N ALA A 40 -2.38 -14.04 14.72
CA ALA A 40 -3.82 -14.16 14.90
C ALA A 40 -4.02 -15.28 15.93
N ALA A 41 -5.02 -15.16 16.80
CA ALA A 41 -5.29 -16.21 17.80
C ALA A 41 -5.27 -17.62 17.16
N SER A 42 -5.87 -17.73 15.97
CA SER A 42 -5.84 -18.99 15.21
C SER A 42 -5.44 -18.65 13.77
N PRO A 43 -4.13 -18.54 13.50
CA PRO A 43 -3.65 -18.22 12.15
C PRO A 43 -4.17 -19.15 11.07
N ARG A 44 -4.82 -18.53 10.08
CA ARG A 44 -5.40 -19.22 8.94
C ARG A 44 -5.54 -18.18 7.82
N GLU A 45 -5.64 -18.66 6.59
CA GLU A 45 -5.83 -17.79 5.43
C GLU A 45 -7.29 -17.27 5.52
N GLU A 46 -7.49 -15.95 5.60
CA GLU A 46 -8.85 -15.39 5.69
C GLU A 46 -9.30 -14.31 4.67
N PRO A 47 -10.51 -14.49 4.10
CA PRO A 47 -11.06 -13.56 3.11
C PRO A 47 -11.12 -12.13 3.64
N ARG A 48 -10.83 -11.21 2.73
CA ARG A 48 -10.79 -9.78 3.01
C ARG A 48 -11.53 -9.07 1.89
N ALA A 49 -12.23 -9.86 1.07
CA ALA A 49 -13.03 -9.38 -0.05
C ALA A 49 -14.13 -10.42 -0.30
N PRO A 50 -15.38 -9.96 -0.49
CA PRO A 50 -16.54 -10.84 -0.72
C PRO A 50 -16.38 -11.92 -1.80
N TRP A 51 -15.72 -11.61 -2.90
CA TRP A 51 -15.57 -12.56 -4.01
C TRP A 51 -14.66 -13.78 -3.84
N ILE A 52 -13.90 -13.83 -2.75
CA ILE A 52 -13.00 -14.97 -2.49
C ILE A 52 -13.64 -15.94 -1.47
N GLU A 53 -14.67 -15.47 -0.79
CA GLU A 53 -15.40 -16.24 0.23
C GLU A 53 -16.07 -17.49 -0.30
N GLN A 54 -16.56 -17.37 -1.53
CA GLN A 54 -17.24 -18.46 -2.23
C GLN A 54 -16.29 -19.61 -2.53
N GLU A 55 -14.99 -19.37 -2.42
CA GLU A 55 -14.01 -20.42 -2.68
C GLU A 55 -14.23 -21.49 -1.62
N GLY A 56 -14.15 -22.76 -2.03
CA GLY A 56 -14.38 -23.87 -1.10
C GLY A 56 -13.49 -24.04 0.13
N PRO A 57 -13.82 -25.03 0.98
CA PRO A 57 -13.10 -25.36 2.21
C PRO A 57 -11.65 -25.77 1.92
N GLU A 58 -11.46 -26.55 0.87
CA GLU A 58 -10.14 -27.01 0.52
C GLU A 58 -9.24 -25.87 0.05
N TYR A 59 -9.84 -24.78 -0.44
CA TYR A 59 -9.04 -23.64 -0.87
C TYR A 59 -8.37 -23.02 0.34
N TRP A 60 -9.18 -22.78 1.37
CA TRP A 60 -8.71 -22.15 2.60
C TRP A 60 -7.72 -23.02 3.31
N ASP A 61 -7.96 -24.32 3.31
CA ASP A 61 -7.04 -25.26 3.95
C ASP A 61 -5.70 -25.25 3.26
N ARG A 62 -5.70 -25.43 1.94
CA ARG A 62 -4.46 -25.45 1.18
C ARG A 62 -3.65 -24.16 1.37
N ASN A 63 -4.32 -23.01 1.30
CA ASN A 63 -3.60 -21.75 1.45
C ASN A 63 -3.18 -21.53 2.87
N THR A 64 -3.98 -21.97 3.82
CA THR A 64 -3.59 -21.82 5.22
C THR A 64 -2.29 -22.59 5.44
N GLN A 65 -2.21 -23.79 4.88
CA GLN A 65 -1.01 -24.60 5.04
C GLN A 65 0.18 -23.97 4.36
N ILE A 66 -0.03 -23.37 3.18
CA ILE A 66 1.03 -22.72 2.45
C ILE A 66 1.61 -21.58 3.29
N PHE A 67 0.73 -20.86 3.99
CA PHE A 67 1.13 -19.75 4.83
C PHE A 67 1.78 -20.13 6.13
N LYS A 68 1.35 -21.23 6.72
CA LYS A 68 1.97 -21.67 7.96
C LYS A 68 3.41 -22.12 7.63
N THR A 69 3.54 -22.86 6.54
CA THR A 69 4.83 -23.34 6.11
C THR A 69 5.74 -22.17 5.72
N ASN A 70 5.19 -21.14 5.07
CA ASN A 70 5.97 -19.96 4.69
C ASN A 70 6.42 -19.20 5.94
N THR A 71 5.61 -19.26 7.02
CA THR A 71 5.96 -18.60 8.29
C THR A 71 7.27 -19.20 8.80
N GLN A 72 7.32 -20.52 8.74
CA GLN A 72 8.48 -21.30 9.19
C GLN A 72 9.70 -21.02 8.29
N THR A 73 9.46 -21.09 6.99
CA THR A 73 10.53 -20.85 6.00
C THR A 73 11.11 -19.44 6.20
N ASP A 74 10.25 -18.44 6.39
CA ASP A 74 10.74 -17.08 6.61
C ASP A 74 11.44 -16.91 7.97
N ARG A 75 11.09 -17.73 8.95
CA ARG A 75 11.76 -17.67 10.23
C ARG A 75 13.18 -18.21 10.10
N GLU A 76 13.31 -19.27 9.34
CA GLU A 76 14.61 -19.88 9.12
C GLU A 76 15.45 -18.96 8.22
N SER A 77 14.77 -18.24 7.34
CA SER A 77 15.44 -17.29 6.42
C SER A 77 15.99 -16.14 7.25
N LEU A 78 15.23 -15.64 8.21
CA LEU A 78 15.72 -14.56 9.06
C LEU A 78 16.93 -15.04 9.89
N ARG A 79 16.94 -16.30 10.32
CA ARG A 79 18.09 -16.83 11.05
C ARG A 79 19.32 -16.82 10.16
N ASN A 80 19.15 -17.36 8.97
CA ASN A 80 20.23 -17.43 7.99
C ASN A 80 20.74 -16.07 7.65
N LEU A 81 19.81 -15.13 7.46
CA LEU A 81 20.18 -13.76 7.10
C LEU A 81 20.99 -13.03 8.16
N ARG A 82 20.68 -13.33 9.42
CA ARG A 82 21.41 -12.74 10.54
C ARG A 82 22.84 -13.22 10.44
N GLY A 83 23.01 -14.50 10.11
CA GLY A 83 24.34 -15.08 9.96
C GLY A 83 25.09 -14.50 8.77
N TYR A 84 24.41 -14.34 7.62
CA TYR A 84 25.03 -13.78 6.41
C TYR A 84 25.55 -12.37 6.64
N TYR A 85 24.92 -11.66 7.57
CA TYR A 85 25.35 -10.30 7.85
C TYR A 85 26.12 -10.18 9.16
N ASN A 86 26.44 -11.32 9.78
CA ASN A 86 27.20 -11.32 11.03
C ASN A 86 26.48 -10.46 12.05
N GLN A 87 25.16 -10.53 12.10
CA GLN A 87 24.39 -9.71 13.06
C GLN A 87 24.16 -10.44 14.39
N SER A 88 23.97 -9.68 15.48
CA SER A 88 23.73 -10.31 16.80
C SER A 88 22.32 -10.87 16.92
N GLU A 89 22.12 -11.72 17.92
CA GLU A 89 20.82 -12.31 18.16
C GLU A 89 19.88 -11.34 18.86
N ALA A 90 20.42 -10.19 19.26
CA ALA A 90 19.70 -9.16 20.00
C ALA A 90 18.84 -8.20 19.21
N GLY A 91 19.23 -7.91 17.96
CA GLY A 91 18.47 -6.98 17.15
C GLY A 91 17.22 -7.54 16.45
N SER A 92 16.34 -6.61 16.08
CA SER A 92 15.11 -6.92 15.38
C SER A 92 15.35 -6.73 13.87
N HIS A 93 14.86 -7.63 13.02
CA HIS A 93 15.05 -7.50 11.58
C HIS A 93 13.83 -7.89 10.79
N THR A 94 13.73 -7.36 9.58
CA THR A 94 12.60 -7.59 8.70
C THR A 94 12.94 -8.18 7.33
N LEU A 95 12.27 -9.26 6.99
CA LEU A 95 12.44 -9.88 5.69
C LEU A 95 11.07 -9.68 4.97
N GLN A 96 11.08 -9.00 3.83
CA GLN A 96 9.86 -8.77 3.08
C GLN A 96 10.00 -9.41 1.72
N SER A 97 8.85 -9.79 1.16
CA SER A 97 8.79 -10.36 -0.16
C SER A 97 7.49 -9.97 -0.86
N MET A 98 7.58 -9.84 -2.17
CA MET A 98 6.49 -9.48 -3.06
C MET A 98 6.62 -10.47 -4.20
N TYR A 99 5.53 -11.16 -4.51
CA TYR A 99 5.53 -12.10 -5.62
C TYR A 99 4.14 -12.06 -6.27
N GLY A 100 4.11 -12.31 -7.57
CA GLY A 100 2.86 -12.28 -8.31
C GLY A 100 3.07 -12.10 -9.80
N CYS A 101 1.98 -11.97 -10.54
CA CYS A 101 2.03 -11.82 -11.99
C CYS A 101 1.20 -10.68 -12.45
N ASP A 102 1.47 -10.26 -13.67
CA ASP A 102 0.72 -9.21 -14.32
C ASP A 102 0.20 -9.91 -15.57
N VAL A 103 -1.08 -9.69 -15.88
CA VAL A 103 -1.70 -10.26 -17.08
C VAL A 103 -2.30 -9.14 -17.93
N GLY A 104 -2.35 -9.39 -19.24
CA GLY A 104 -2.90 -8.42 -20.16
C GLY A 104 -4.41 -8.53 -20.11
N PRO A 105 -5.13 -7.65 -20.82
CA PRO A 105 -6.60 -7.68 -20.84
C PRO A 105 -7.15 -9.04 -21.27
N ASP A 106 -6.40 -9.73 -22.11
CA ASP A 106 -6.77 -11.06 -22.57
C ASP A 106 -6.35 -12.13 -21.57
N GLY A 107 -5.75 -11.69 -20.46
CA GLY A 107 -5.31 -12.60 -19.41
C GLY A 107 -4.01 -13.33 -19.62
N ARG A 108 -3.20 -12.90 -20.57
CA ARG A 108 -1.92 -13.54 -20.83
C ARG A 108 -0.86 -12.91 -19.98
N LEU A 109 0.05 -13.73 -19.45
CA LEU A 109 1.14 -13.25 -18.63
C LEU A 109 1.93 -12.14 -19.27
N LEU A 110 1.96 -10.98 -18.62
CA LEU A 110 2.75 -9.85 -19.09
C LEU A 110 4.14 -10.00 -18.46
N ARG A 111 4.18 -10.35 -17.16
CA ARG A 111 5.42 -10.58 -16.42
C ARG A 111 5.21 -11.11 -15.01
N GLY A 112 6.21 -11.82 -14.52
CA GLY A 112 6.18 -12.39 -13.18
C GLY A 112 7.15 -11.68 -12.24
N HIS A 113 6.86 -11.78 -10.96
CA HIS A 113 7.67 -11.14 -9.92
C HIS A 113 7.90 -12.02 -8.71
N ASN A 114 9.11 -11.94 -8.16
CA ASN A 114 9.45 -12.66 -6.92
C ASN A 114 10.70 -12.02 -6.37
N GLN A 115 10.53 -11.06 -5.47
CA GLN A 115 11.69 -10.39 -4.91
C GLN A 115 11.62 -10.24 -3.41
N TYR A 116 12.77 -10.01 -2.80
CA TYR A 116 12.90 -9.90 -1.35
C TYR A 116 13.70 -8.71 -0.95
N ALA A 117 13.45 -8.20 0.25
CA ALA A 117 14.19 -7.07 0.78
C ALA A 117 14.48 -7.37 2.25
N TYR A 118 15.71 -7.11 2.68
CA TYR A 118 16.08 -7.37 4.07
C TYR A 118 16.37 -6.03 4.75
N ASP A 119 15.64 -5.74 5.82
CA ASP A 119 15.76 -4.47 6.54
C ASP A 119 15.55 -3.27 5.63
N GLY A 120 14.60 -3.41 4.71
CA GLY A 120 14.26 -2.34 3.78
C GLY A 120 15.14 -2.14 2.54
N LYS A 121 16.18 -2.97 2.37
CA LYS A 121 17.08 -2.85 1.23
C LYS A 121 16.86 -4.05 0.38
N ASP A 122 16.86 -3.85 -0.93
CA ASP A 122 16.67 -4.93 -1.87
C ASP A 122 17.73 -6.01 -1.63
N TYR A 123 17.32 -7.27 -1.64
CA TYR A 123 18.22 -8.37 -1.34
C TYR A 123 18.43 -9.30 -2.52
N ILE A 124 17.36 -9.85 -3.07
CA ILE A 124 17.48 -10.73 -4.22
C ILE A 124 16.18 -10.69 -5.00
N ALA A 125 16.26 -10.87 -6.31
CA ALA A 125 15.04 -10.86 -7.12
C ALA A 125 15.13 -11.81 -8.30
N LEU A 126 14.00 -12.41 -8.63
CA LEU A 126 13.93 -13.29 -9.77
C LEU A 126 13.84 -12.30 -10.95
N ASN A 127 14.73 -12.47 -11.93
CA ASN A 127 14.73 -11.62 -13.12
C ASN A 127 13.50 -11.87 -13.96
N GLU A 128 13.21 -10.93 -14.87
CA GLU A 128 12.03 -11.03 -15.72
C GLU A 128 11.99 -12.28 -16.56
N ASP A 129 13.15 -12.85 -16.87
CA ASP A 129 13.18 -14.10 -17.65
C ASP A 129 12.60 -15.27 -16.86
N LEU A 130 12.45 -15.07 -15.56
CA LEU A 130 11.94 -16.10 -14.65
C LEU A 130 12.88 -17.29 -14.59
N ARG A 131 14.18 -17.03 -14.81
CA ARG A 131 15.19 -18.09 -14.79
C ARG A 131 16.48 -17.77 -14.04
N SER A 132 16.81 -16.51 -13.86
CA SER A 132 18.04 -16.12 -13.19
C SER A 132 17.74 -15.14 -12.07
N TRP A 133 18.74 -14.86 -11.24
CA TRP A 133 18.56 -13.99 -10.10
C TRP A 133 19.50 -12.84 -10.10
N THR A 134 19.09 -11.78 -9.45
CA THR A 134 19.94 -10.62 -9.26
C THR A 134 20.06 -10.49 -7.73
N ALA A 135 21.27 -10.68 -7.23
CA ALA A 135 21.58 -10.59 -5.80
C ALA A 135 22.17 -9.22 -5.57
N ALA A 136 21.75 -8.54 -4.52
CA ALA A 136 22.23 -7.19 -4.25
C ALA A 136 23.62 -7.06 -3.57
N ASP A 137 24.08 -8.12 -2.90
CA ASP A 137 25.36 -8.10 -2.20
C ASP A 137 25.89 -9.52 -2.02
N THR A 138 26.99 -9.69 -1.29
CA THR A 138 27.58 -11.03 -1.09
C THR A 138 26.76 -11.99 -0.25
N ALA A 139 25.91 -11.47 0.64
CA ALA A 139 25.03 -12.31 1.42
C ALA A 139 23.96 -12.87 0.47
N ALA A 140 23.42 -12.02 -0.42
CA ALA A 140 22.40 -12.47 -1.36
C ALA A 140 22.95 -13.50 -2.31
N GLN A 141 24.25 -13.37 -2.62
CA GLN A 141 24.92 -14.34 -3.50
C GLN A 141 24.89 -15.72 -2.90
N ILE A 142 24.88 -15.80 -1.57
CA ILE A 142 24.78 -17.10 -0.91
C ILE A 142 23.39 -17.64 -1.20
N THR A 143 22.37 -16.79 -1.03
CA THR A 143 21.00 -17.23 -1.33
C THR A 143 20.92 -17.66 -2.81
N GLN A 144 21.53 -16.86 -3.69
CA GLN A 144 21.53 -17.17 -5.12
C GLN A 144 22.16 -18.52 -5.40
N ARG A 145 23.35 -18.77 -4.85
CA ARG A 145 24.01 -20.06 -5.06
C ARG A 145 23.12 -21.18 -4.59
N LYS A 146 22.49 -21.03 -3.44
CA LYS A 146 21.60 -22.09 -2.94
C LYS A 146 20.41 -22.28 -3.85
N TRP A 147 19.85 -21.17 -4.33
CA TRP A 147 18.66 -21.24 -5.20
C TRP A 147 18.96 -21.85 -6.55
N GLU A 148 20.12 -21.51 -7.10
CA GLU A 148 20.59 -22.07 -8.36
C GLU A 148 20.79 -23.57 -8.18
N ALA A 149 21.44 -23.96 -7.08
CA ALA A 149 21.68 -25.37 -6.85
C ALA A 149 20.40 -26.19 -6.72
N ALA A 150 19.41 -25.66 -6.01
CA ALA A 150 18.13 -26.35 -5.84
C ALA A 150 17.16 -26.14 -6.98
N ARG A 151 17.55 -25.34 -7.98
CA ARG A 151 16.70 -25.04 -9.14
C ARG A 151 15.34 -24.46 -8.67
N VAL A 152 15.44 -23.40 -7.86
CA VAL A 152 14.26 -22.76 -7.29
C VAL A 152 13.52 -21.93 -8.34
N ALA A 153 14.26 -21.24 -9.20
CA ALA A 153 13.66 -20.39 -10.23
C ALA A 153 12.63 -21.14 -11.06
N GLU A 154 12.89 -22.43 -11.30
CA GLU A 154 12.00 -23.28 -12.09
C GLU A 154 10.68 -23.45 -11.42
N GLN A 155 10.72 -23.51 -10.09
CA GLN A 155 9.53 -23.66 -9.25
C GLN A 155 8.73 -22.35 -9.27
N ASP A 156 9.41 -21.23 -9.06
CA ASP A 156 8.77 -19.93 -9.06
C ASP A 156 8.20 -19.67 -10.43
N ARG A 157 8.95 -19.97 -11.48
CA ARG A 157 8.47 -19.78 -12.84
C ARG A 157 7.19 -20.57 -13.10
N ALA A 158 7.18 -21.83 -12.69
CA ALA A 158 6.02 -22.67 -12.89
C ALA A 158 4.82 -22.08 -12.13
N TYR A 159 5.09 -21.50 -10.96
CA TYR A 159 4.02 -20.88 -10.19
C TYR A 159 3.56 -19.60 -10.89
N LEU A 160 4.50 -18.76 -11.29
CA LEU A 160 4.14 -17.49 -11.91
C LEU A 160 3.45 -17.58 -13.28
N GLU A 161 3.83 -18.58 -14.06
CA GLU A 161 3.28 -18.76 -15.40
C GLU A 161 2.01 -19.58 -15.38
N GLY A 162 1.87 -20.43 -14.38
CA GLY A 162 0.69 -21.27 -14.31
C GLY A 162 -0.30 -20.85 -13.24
N THR A 163 -0.12 -21.41 -12.06
CA THR A 163 -0.96 -21.17 -10.90
C THR A 163 -1.34 -19.69 -10.67
N CYS A 164 -0.37 -18.80 -10.69
CA CYS A 164 -0.66 -17.39 -10.42
C CYS A 164 -1.58 -16.79 -11.46
N VAL A 165 -1.27 -17.02 -12.74
CA VAL A 165 -2.03 -16.47 -13.85
C VAL A 165 -3.44 -17.07 -13.85
N GLU A 166 -3.54 -18.36 -13.54
CA GLU A 166 -4.83 -19.06 -13.48
C GLU A 166 -5.72 -18.57 -12.34
N TRP A 167 -5.16 -18.38 -11.14
CA TRP A 167 -5.93 -17.86 -10.02
C TRP A 167 -6.35 -16.43 -10.31
N LEU A 168 -5.44 -15.64 -10.82
CA LEU A 168 -5.75 -14.27 -11.12
C LEU A 168 -6.95 -14.23 -12.10
N ARG A 169 -6.93 -15.10 -13.10
CA ARG A 169 -8.02 -15.13 -14.06
C ARG A 169 -9.33 -15.53 -13.42
N ARG A 170 -9.26 -16.45 -12.46
CA ARG A 170 -10.45 -16.91 -11.75
C ARG A 170 -10.98 -15.81 -10.82
N TYR A 171 -10.08 -15.15 -10.11
CA TYR A 171 -10.47 -14.07 -9.22
C TYR A 171 -11.15 -12.94 -9.98
N LEU A 172 -10.57 -12.58 -11.13
CA LEU A 172 -11.07 -11.52 -11.98
C LEU A 172 -12.49 -11.81 -12.46
N GLU A 173 -12.76 -13.08 -12.72
CA GLU A 173 -14.07 -13.53 -13.17
C GLU A 173 -15.07 -13.52 -12.02
N ASN A 174 -14.67 -14.01 -10.85
CA ASN A 174 -15.54 -14.03 -9.67
C ASN A 174 -15.83 -12.67 -9.07
N GLY A 175 -14.95 -11.71 -9.30
CA GLY A 175 -15.17 -10.39 -8.75
C GLY A 175 -15.16 -9.35 -9.84
N LYS A 176 -15.66 -9.71 -11.01
CA LYS A 176 -15.68 -8.79 -12.15
C LYS A 176 -16.43 -7.50 -11.94
N ASP A 177 -17.49 -7.51 -11.12
CA ASP A 177 -18.28 -6.31 -10.86
C ASP A 177 -17.50 -5.19 -10.22
N THR A 178 -16.45 -5.54 -9.49
CA THR A 178 -15.62 -4.54 -8.82
C THR A 178 -14.21 -4.54 -9.39
N LEU A 179 -13.60 -5.71 -9.49
CA LEU A 179 -12.24 -5.82 -9.99
C LEU A 179 -12.09 -5.32 -11.42
N GLU A 180 -13.11 -5.55 -12.26
CA GLU A 180 -13.11 -5.11 -13.66
C GLU A 180 -13.77 -3.74 -13.81
N ARG A 181 -14.08 -3.07 -12.72
CA ARG A 181 -14.71 -1.76 -12.80
C ARG A 181 -13.78 -0.65 -12.35
N ALA A 182 -13.55 0.31 -13.21
CA ALA A 182 -12.73 1.43 -12.84
C ALA A 182 -13.69 2.54 -12.47
N ASP A 183 -13.50 3.16 -11.32
CA ASP A 183 -14.36 4.25 -10.90
C ASP A 183 -13.62 5.53 -11.15
N PRO A 184 -14.17 6.39 -11.99
CA PRO A 184 -13.48 7.65 -12.29
C PRO A 184 -13.43 8.62 -11.13
N PRO A 185 -12.39 9.46 -11.10
CA PRO A 185 -12.33 10.40 -9.99
C PRO A 185 -13.36 11.50 -10.12
N LYS A 186 -13.89 11.95 -8.97
CA LYS A 186 -14.81 13.07 -8.93
C LYS A 186 -13.82 14.19 -8.66
N THR A 187 -13.78 15.17 -9.55
CA THR A 187 -12.83 16.25 -9.42
C THR A 187 -13.43 17.63 -9.24
N HIS A 188 -12.68 18.52 -8.60
CA HIS A 188 -13.04 19.92 -8.39
C HIS A 188 -11.80 20.69 -7.98
N VAL A 189 -11.83 22.02 -8.11
CA VAL A 189 -10.69 22.85 -7.72
C VAL A 189 -11.12 23.80 -6.60
N THR A 190 -10.36 23.84 -5.51
CA THR A 190 -10.68 24.75 -4.42
C THR A 190 -9.64 25.83 -4.44
N HIS A 191 -9.93 26.93 -3.77
CA HIS A 191 -9.09 28.09 -3.76
C HIS A 191 -8.99 28.62 -2.34
N HIS A 192 -7.77 28.70 -1.83
CA HIS A 192 -7.55 29.16 -0.46
C HIS A 192 -6.57 30.29 -0.41
N PRO A 193 -7.06 31.53 -0.24
CA PRO A 193 -6.21 32.72 -0.15
C PRO A 193 -5.15 32.48 0.92
N ILE A 194 -3.92 32.83 0.63
CA ILE A 194 -2.81 32.66 1.56
C ILE A 194 -2.55 34.06 2.15
N SER A 195 -2.66 35.05 1.27
CA SER A 195 -2.44 36.42 1.65
C SER A 195 -3.13 37.24 0.56
N ASP A 196 -2.93 38.56 0.58
CA ASP A 196 -3.53 39.42 -0.44
C ASP A 196 -2.85 39.13 -1.78
N HIS A 197 -1.64 38.57 -1.70
CA HIS A 197 -0.79 38.31 -2.86
C HIS A 197 -0.85 36.94 -3.53
N GLU A 198 -1.15 35.89 -2.76
CA GLU A 198 -1.16 34.54 -3.31
C GLU A 198 -2.33 33.74 -2.78
N ALA A 199 -2.67 32.70 -3.51
CA ALA A 199 -3.72 31.82 -3.10
C ALA A 199 -3.34 30.43 -3.57
N THR A 200 -3.79 29.41 -2.85
CA THR A 200 -3.53 28.05 -3.24
C THR A 200 -4.73 27.57 -4.05
N LEU A 201 -4.46 26.86 -5.13
CA LEU A 201 -5.47 26.23 -5.96
C LEU A 201 -5.19 24.75 -5.72
N ARG A 202 -6.15 24.04 -5.19
CA ARG A 202 -5.96 22.63 -4.94
C ARG A 202 -6.93 21.88 -5.85
N CYS A 203 -6.40 20.91 -6.58
CA CYS A 203 -7.19 20.13 -7.48
C CYS A 203 -7.40 18.77 -6.83
N TRP A 204 -8.66 18.40 -6.67
CA TRP A 204 -9.05 17.16 -6.02
C TRP A 204 -9.53 16.06 -6.95
N ALA A 205 -9.21 14.83 -6.60
CA ALA A 205 -9.67 13.65 -7.32
C ALA A 205 -10.08 12.75 -6.16
N LEU A 206 -11.36 12.39 -6.11
CA LEU A 206 -11.93 11.59 -5.05
C LEU A 206 -12.71 10.42 -5.59
N GLY A 207 -12.85 9.39 -4.76
CA GLY A 207 -13.63 8.22 -5.12
C GLY A 207 -13.16 7.42 -6.30
N PHE A 208 -11.89 7.52 -6.65
CA PHE A 208 -11.40 6.75 -7.79
C PHE A 208 -10.81 5.39 -7.46
N TYR A 209 -10.90 4.49 -8.43
CA TYR A 209 -10.35 3.14 -8.34
C TYR A 209 -10.03 2.77 -9.77
N PRO A 210 -8.83 2.22 -10.06
CA PRO A 210 -7.75 1.91 -9.13
C PRO A 210 -7.00 3.16 -8.71
N ALA A 211 -6.02 3.00 -7.84
CA ALA A 211 -5.26 4.12 -7.31
C ALA A 211 -4.47 4.87 -8.33
N GLU A 212 -4.05 4.20 -9.39
CA GLU A 212 -3.27 4.84 -10.44
C GLU A 212 -3.97 6.09 -11.00
N ILE A 213 -3.28 7.22 -10.96
CA ILE A 213 -3.83 8.46 -11.45
C ILE A 213 -2.68 9.48 -11.62
N THR A 214 -2.92 10.51 -12.43
CA THR A 214 -1.94 11.57 -12.63
C THR A 214 -2.68 12.88 -12.55
N LEU A 215 -2.27 13.75 -11.63
CA LEU A 215 -2.87 15.07 -11.49
C LEU A 215 -1.72 16.01 -11.73
N THR A 216 -1.91 17.01 -12.59
CA THR A 216 -0.86 17.98 -12.87
C THR A 216 -1.45 19.36 -13.06
N TRP A 217 -0.69 20.38 -12.71
CA TRP A 217 -1.13 21.75 -12.89
C TRP A 217 -0.29 22.37 -13.98
N GLN A 218 -0.90 23.18 -14.83
CA GLN A 218 -0.18 23.87 -15.88
C GLN A 218 -0.46 25.35 -15.71
N ARG A 219 0.54 26.21 -15.87
CA ARG A 219 0.27 27.65 -15.87
C ARG A 219 0.61 27.99 -17.32
N ASP A 220 -0.38 28.52 -18.04
CA ASP A 220 -0.22 28.87 -19.44
C ASP A 220 0.16 27.65 -20.29
N GLY A 221 -0.42 26.49 -19.98
CA GLY A 221 -0.11 25.30 -20.76
C GLY A 221 1.25 24.66 -20.49
N GLU A 222 1.96 25.18 -19.49
CA GLU A 222 3.27 24.66 -19.10
C GLU A 222 3.14 23.92 -17.77
N ASP A 223 3.56 22.66 -17.74
CA ASP A 223 3.51 21.85 -16.53
C ASP A 223 4.29 22.52 -15.42
N GLN A 224 3.70 22.56 -14.22
CA GLN A 224 4.32 23.19 -13.06
C GLN A 224 4.87 22.16 -12.10
N THR A 225 5.46 21.10 -12.65
CA THR A 225 5.98 20.01 -11.84
C THR A 225 6.79 20.39 -10.60
N GLN A 226 7.71 21.34 -10.75
CA GLN A 226 8.54 21.77 -9.63
C GLN A 226 7.81 22.61 -8.59
N ASP A 227 6.77 23.31 -9.03
CA ASP A 227 5.99 24.16 -8.14
C ASP A 227 4.71 23.54 -7.58
N THR A 228 4.39 22.33 -8.02
CA THR A 228 3.20 21.64 -7.55
C THR A 228 3.42 20.80 -6.29
N GLU A 229 2.51 20.90 -5.33
CA GLU A 229 2.59 20.08 -4.13
C GLU A 229 1.63 18.92 -4.36
N LEU A 230 2.16 17.72 -4.34
CA LEU A 230 1.41 16.49 -4.60
C LEU A 230 1.38 15.61 -3.34
N VAL A 231 0.20 15.26 -2.85
CA VAL A 231 0.14 14.37 -1.71
C VAL A 231 0.07 12.98 -2.27
N GLU A 232 0.53 12.04 -1.49
CA GLU A 232 0.52 10.67 -1.88
C GLU A 232 -0.94 10.22 -1.93
N THR A 233 -1.28 9.45 -2.96
CA THR A 233 -2.61 8.90 -3.13
C THR A 233 -2.92 8.12 -1.86
N ARG A 234 -4.09 8.36 -1.29
CA ARG A 234 -4.48 7.74 -0.03
C ARG A 234 -5.81 7.02 -0.12
N PRO A 235 -5.98 5.95 0.68
CA PRO A 235 -7.23 5.18 0.69
C PRO A 235 -8.35 5.89 1.47
N ALA A 236 -9.54 5.88 0.93
CA ALA A 236 -10.69 6.52 1.57
C ALA A 236 -11.31 5.58 2.62
N GLY A 237 -11.18 4.27 2.40
CA GLY A 237 -11.74 3.29 3.32
C GLY A 237 -12.89 2.51 2.70
N ASP A 238 -13.32 2.96 1.53
CA ASP A 238 -14.44 2.30 0.83
C ASP A 238 -14.00 1.61 -0.49
N ARG A 239 -12.69 1.36 -0.61
CA ARG A 239 -12.04 0.74 -1.77
C ARG A 239 -11.44 1.79 -2.67
N THR A 240 -11.99 3.01 -2.61
CA THR A 240 -11.54 4.10 -3.47
C THR A 240 -10.38 4.91 -2.91
N PHE A 241 -9.86 5.83 -3.71
CA PHE A 241 -8.71 6.60 -3.34
C PHE A 241 -8.95 8.04 -3.52
N GLN A 242 -8.04 8.84 -2.97
CA GLN A 242 -8.12 10.29 -3.05
C GLN A 242 -6.73 10.82 -3.31
N LYS A 243 -6.64 12.00 -3.90
CA LYS A 243 -5.36 12.64 -4.17
C LYS A 243 -5.62 14.08 -4.51
N TRP A 244 -4.67 14.94 -4.17
CA TRP A 244 -4.78 16.32 -4.55
C TRP A 244 -3.43 16.82 -4.98
N ALA A 245 -3.45 17.93 -5.71
CA ALA A 245 -2.23 18.58 -6.19
C ALA A 245 -2.52 20.03 -6.01
N ALA A 246 -1.58 20.79 -5.47
CA ALA A 246 -1.84 22.20 -5.25
C ALA A 246 -0.73 23.04 -5.78
N VAL A 247 -1.08 24.27 -6.11
CA VAL A 247 -0.13 25.20 -6.64
C VAL A 247 -0.46 26.56 -6.00
N VAL A 248 0.58 27.32 -5.62
CA VAL A 248 0.42 28.66 -5.03
C VAL A 248 0.54 29.61 -6.21
N VAL A 249 -0.52 30.39 -6.46
CA VAL A 249 -0.60 31.29 -7.60
C VAL A 249 -0.81 32.72 -7.15
N PRO A 250 -0.36 33.70 -7.97
CA PRO A 250 -0.53 35.11 -7.63
C PRO A 250 -2.01 35.47 -7.78
N SER A 251 -2.56 36.26 -6.85
CA SER A 251 -3.97 36.66 -6.92
C SER A 251 -4.28 37.28 -8.27
N GLY A 252 -5.42 36.91 -8.84
CA GLY A 252 -5.77 37.48 -10.13
C GLY A 252 -5.27 36.65 -11.29
N GLU A 253 -4.38 35.69 -11.04
CA GLU A 253 -3.86 34.85 -12.11
C GLU A 253 -4.40 33.43 -12.14
N GLU A 254 -5.40 33.15 -11.33
CA GLU A 254 -5.97 31.81 -11.23
C GLU A 254 -6.42 31.21 -12.54
N GLN A 255 -6.88 32.05 -13.45
CA GLN A 255 -7.35 31.52 -14.74
C GLN A 255 -6.29 31.00 -15.69
N ARG A 256 -5.04 31.35 -15.42
CA ARG A 256 -3.92 30.89 -16.21
C ARG A 256 -3.55 29.46 -15.79
N TYR A 257 -4.22 28.92 -14.78
CA TYR A 257 -3.91 27.59 -14.31
C TYR A 257 -4.98 26.58 -14.65
N THR A 258 -4.56 25.39 -15.06
CA THR A 258 -5.47 24.30 -15.37
C THR A 258 -4.95 23.04 -14.74
N CYS A 259 -5.87 22.25 -14.25
CA CYS A 259 -5.52 21.02 -13.62
C CYS A 259 -5.88 19.93 -14.61
N HIS A 260 -4.97 18.97 -14.81
CA HIS A 260 -5.18 17.87 -15.74
C HIS A 260 -5.24 16.56 -15.00
N VAL A 261 -6.25 15.77 -15.31
CA VAL A 261 -6.50 14.53 -14.63
C VAL A 261 -6.55 13.36 -15.57
N GLN A 262 -5.74 12.35 -15.32
CA GLN A 262 -5.74 11.17 -16.17
C GLN A 262 -6.04 10.03 -15.25
N HIS A 263 -7.00 9.21 -15.62
CA HIS A 263 -7.36 8.04 -14.84
C HIS A 263 -7.96 7.08 -15.84
N GLU A 264 -7.76 5.78 -15.65
CA GLU A 264 -8.30 4.82 -16.60
C GLU A 264 -9.80 4.74 -16.70
N GLY A 265 -10.50 5.22 -15.67
CA GLY A 265 -11.97 5.24 -15.64
C GLY A 265 -12.53 6.46 -16.37
N LEU A 266 -11.62 7.29 -16.90
CA LEU A 266 -11.97 8.47 -17.67
C LEU A 266 -11.65 8.13 -19.12
N PRO A 267 -12.64 8.35 -20.01
CA PRO A 267 -12.53 8.10 -21.46
C PRO A 267 -11.51 9.06 -22.10
N LYS A 268 -11.57 10.32 -21.67
CA LYS A 268 -10.66 11.34 -22.14
C LYS A 268 -10.22 12.06 -20.87
N PRO A 269 -8.93 12.44 -20.79
CA PRO A 269 -8.42 13.16 -19.60
C PRO A 269 -9.15 14.48 -19.41
N LEU A 270 -9.28 14.89 -18.15
CA LEU A 270 -9.97 16.12 -17.81
C LEU A 270 -9.03 17.28 -17.60
N THR A 271 -9.56 18.46 -17.85
CA THR A 271 -8.86 19.72 -17.68
C THR A 271 -9.88 20.50 -16.86
N LEU A 272 -9.47 21.06 -15.73
CA LEU A 272 -10.38 21.84 -14.89
C LEU A 272 -9.63 23.09 -14.49
N ARG A 273 -10.38 24.07 -14.02
CA ARG A 273 -9.81 25.32 -13.57
C ARG A 273 -10.66 25.74 -12.40
N TRP A 274 -10.16 26.65 -11.60
CA TRP A 274 -10.92 27.13 -10.47
C TRP A 274 -12.12 27.86 -11.07
N GLU A 275 -13.30 27.55 -10.57
CA GLU A 275 -14.51 28.20 -11.04
C GLU A 275 -15.17 28.91 -9.89
N PRO A 276 -14.93 30.22 -9.77
CA PRO A 276 -15.47 31.08 -8.72
C PRO A 276 -17.00 31.04 -8.64
N ILE B 1 18.00 0.20 7.41
CA ILE B 1 17.69 1.65 7.19
C ILE B 1 16.42 2.02 7.95
N GLN B 2 16.16 3.32 8.10
CA GLN B 2 14.96 3.73 8.79
C GLN B 2 14.28 4.85 8.03
N ARG B 3 12.96 4.76 7.88
CA ARG B 3 12.21 5.78 7.17
C ARG B 3 11.04 6.28 8.01
N THR B 4 10.91 7.60 8.09
CA THR B 4 9.89 8.18 8.92
C THR B 4 8.52 8.23 8.26
N PRO B 5 7.46 7.92 9.04
CA PRO B 5 6.13 7.95 8.44
C PRO B 5 5.63 9.29 7.92
N LYS B 6 5.01 9.24 6.75
CA LYS B 6 4.36 10.38 6.14
C LYS B 6 2.96 10.19 6.72
N ILE B 7 2.30 11.27 7.11
CA ILE B 7 0.99 11.17 7.76
C ILE B 7 -0.10 12.03 7.13
N GLN B 8 -1.24 11.43 6.84
CA GLN B 8 -2.34 12.22 6.32
C GLN B 8 -3.60 11.97 7.14
N VAL B 9 -4.20 13.05 7.65
CA VAL B 9 -5.45 12.98 8.42
C VAL B 9 -6.50 13.64 7.53
N TYR B 10 -7.55 12.89 7.23
CA TYR B 10 -8.60 13.36 6.35
C TYR B 10 -9.83 12.50 6.58
N SER B 11 -10.94 12.85 5.92
CA SER B 11 -12.19 12.09 6.09
C SER B 11 -12.52 11.31 4.83
N ARG B 12 -13.33 10.27 4.97
CA ARG B 12 -13.72 9.45 3.83
C ARG B 12 -14.51 10.21 2.77
N HIS B 13 -15.45 11.02 3.26
CA HIS B 13 -16.34 11.84 2.43
C HIS B 13 -16.08 13.27 2.86
N PRO B 14 -16.36 14.28 2.01
CA PRO B 14 -16.12 15.68 2.40
C PRO B 14 -16.83 15.96 3.71
N ALA B 15 -16.19 16.73 4.58
CA ALA B 15 -16.73 17.01 5.89
C ALA B 15 -17.94 17.94 5.92
N GLU B 16 -19.00 17.48 6.56
CA GLU B 16 -20.21 18.27 6.70
C GLU B 16 -20.60 18.21 8.17
N ASN B 17 -20.54 19.36 8.86
CA ASN B 17 -20.90 19.44 10.29
C ASN B 17 -22.22 18.75 10.61
N GLY B 18 -22.17 17.79 11.53
CA GLY B 18 -23.37 17.06 11.90
C GLY B 18 -23.60 15.77 11.13
N LYS B 19 -22.92 15.59 10.00
CA LYS B 19 -23.09 14.37 9.21
C LYS B 19 -22.04 13.32 9.53
N SER B 20 -22.51 12.10 9.77
CA SER B 20 -21.65 10.97 10.09
C SER B 20 -20.68 10.74 8.93
N ASN B 21 -19.45 10.39 9.26
CA ASN B 21 -18.38 10.25 8.29
C ASN B 21 -17.36 9.29 8.90
N PHE B 22 -16.15 9.27 8.33
CA PHE B 22 -15.02 8.45 8.81
C PHE B 22 -13.76 9.29 8.85
N LEU B 23 -13.13 9.30 10.01
CA LEU B 23 -11.89 10.02 10.21
C LEU B 23 -10.81 9.02 9.88
N ASN B 24 -9.92 9.39 8.97
CA ASN B 24 -8.85 8.51 8.55
C ASN B 24 -7.50 9.10 8.89
N CYS B 25 -6.58 8.22 9.25
CA CYS B 25 -5.19 8.61 9.48
C CYS B 25 -4.39 7.56 8.71
N TYR B 26 -3.79 8.02 7.61
CA TYR B 26 -3.01 7.16 6.74
C TYR B 26 -1.54 7.41 6.98
N VAL B 27 -0.84 6.37 7.39
CA VAL B 27 0.61 6.50 7.59
C VAL B 27 1.28 5.66 6.54
N SER B 28 2.30 6.23 5.93
CA SER B 28 2.98 5.51 4.89
C SER B 28 4.43 5.94 4.73
N GLY B 29 5.17 5.20 3.91
CA GLY B 29 6.55 5.49 3.66
C GLY B 29 7.49 5.17 4.80
N PHE B 30 7.03 4.40 5.77
CA PHE B 30 7.88 4.12 6.93
C PHE B 30 8.55 2.76 6.96
N HIS B 31 9.61 2.68 7.76
CA HIS B 31 10.36 1.43 7.92
C HIS B 31 11.23 1.58 9.17
N PRO B 32 11.24 0.59 10.08
CA PRO B 32 10.51 -0.69 10.07
C PRO B 32 9.00 -0.53 10.32
N SER B 33 8.30 -1.65 10.41
CA SER B 33 6.86 -1.65 10.55
C SER B 33 6.22 -1.26 11.86
N ASP B 34 6.98 -1.32 12.96
CA ASP B 34 6.39 -0.98 14.25
C ASP B 34 6.04 0.48 14.27
N ILE B 35 4.81 0.76 14.65
CA ILE B 35 4.35 2.14 14.68
C ILE B 35 3.12 2.19 15.58
N GLU B 36 2.89 3.33 16.24
CA GLU B 36 1.74 3.48 17.11
C GLU B 36 0.99 4.73 16.65
N VAL B 37 -0.29 4.56 16.35
CA VAL B 37 -1.12 5.68 15.90
C VAL B 37 -2.37 5.76 16.75
N ASP B 38 -2.70 6.99 17.14
CA ASP B 38 -3.88 7.28 17.94
C ASP B 38 -4.70 8.34 17.20
N LEU B 39 -6.01 8.14 17.14
CA LEU B 39 -6.91 9.13 16.54
C LEU B 39 -7.36 9.84 17.80
N LEU B 40 -7.28 11.16 17.78
CA LEU B 40 -7.64 11.98 18.93
C LEU B 40 -8.85 12.90 18.67
N LYS B 41 -9.67 13.05 19.72
CA LYS B 41 -10.84 13.94 19.69
C LYS B 41 -10.64 14.91 20.83
N ASN B 42 -10.20 16.13 20.52
CA ASN B 42 -9.97 17.13 21.55
C ASN B 42 -8.86 16.69 22.52
N GLY B 43 -7.80 16.07 21.99
CA GLY B 43 -6.69 15.61 22.80
C GLY B 43 -6.84 14.24 23.45
N GLU B 44 -8.04 13.69 23.43
CA GLU B 44 -8.30 12.39 24.01
C GLU B 44 -8.31 11.27 22.98
N ARG B 45 -7.75 10.12 23.37
CA ARG B 45 -7.68 8.98 22.49
C ARG B 45 -9.06 8.41 22.20
N ILE B 46 -9.33 8.09 20.95
CA ILE B 46 -10.62 7.50 20.58
C ILE B 46 -10.40 5.99 20.73
N GLU B 47 -11.35 5.27 21.31
CA GLU B 47 -11.19 3.82 21.52
C GLU B 47 -11.63 2.90 20.36
N LYS B 48 -12.70 3.27 19.67
CA LYS B 48 -13.21 2.45 18.57
C LYS B 48 -12.40 2.70 17.28
N VAL B 49 -11.08 2.48 17.31
CA VAL B 49 -10.24 2.73 16.13
C VAL B 49 -9.70 1.46 15.49
N GLU B 50 -10.16 1.20 14.26
CA GLU B 50 -9.74 0.03 13.50
C GLU B 50 -8.60 0.38 12.54
N HIS B 51 -8.00 -0.64 11.94
CA HIS B 51 -6.94 -0.43 10.97
C HIS B 51 -6.77 -1.56 9.95
N SER B 52 -6.15 -1.18 8.84
CA SER B 52 -5.87 -2.07 7.73
C SER B 52 -4.77 -3.07 8.07
N ASP B 53 -4.70 -4.14 7.29
CA ASP B 53 -3.68 -5.15 7.49
C ASP B 53 -2.38 -4.62 6.91
N LEU B 54 -1.30 -4.81 7.66
CA LEU B 54 0.01 -4.33 7.26
C LEU B 54 0.41 -4.80 5.88
N SER B 55 0.78 -3.83 5.06
CA SER B 55 1.24 -4.11 3.72
C SER B 55 2.30 -3.06 3.43
N PHE B 56 2.88 -3.12 2.24
CA PHE B 56 3.91 -2.16 1.88
C PHE B 56 3.89 -1.84 0.41
N SER B 57 4.55 -0.75 0.04
CA SER B 57 4.63 -0.29 -1.34
C SER B 57 5.78 -0.94 -2.12
N LYS B 58 5.85 -0.62 -3.41
CA LYS B 58 6.85 -1.16 -4.35
C LYS B 58 8.27 -0.91 -3.86
N ASP B 59 8.45 0.15 -3.07
CA ASP B 59 9.76 0.48 -2.53
C ASP B 59 9.98 -0.10 -1.13
N TRP B 60 9.11 -1.02 -0.73
CA TRP B 60 9.19 -1.71 0.57
C TRP B 60 8.75 -0.97 1.83
N SER B 61 8.37 0.29 1.70
CA SER B 61 7.92 1.07 2.86
C SER B 61 6.48 0.67 3.20
N PHE B 62 6.20 0.58 4.47
CA PHE B 62 4.89 0.16 4.93
C PHE B 62 3.86 1.27 4.91
N TYR B 63 2.59 0.88 4.92
CA TYR B 63 1.50 1.83 4.96
C TYR B 63 0.38 1.16 5.72
N LEU B 64 -0.37 1.98 6.47
CA LEU B 64 -1.51 1.54 7.28
C LEU B 64 -2.54 2.63 7.31
N LEU B 65 -3.80 2.22 7.30
CA LEU B 65 -4.90 3.18 7.40
C LEU B 65 -5.62 2.93 8.73
N TYR B 66 -5.65 3.95 9.60
CA TYR B 66 -6.37 3.86 10.87
C TYR B 66 -7.63 4.69 10.65
N TYR B 67 -8.76 4.19 11.11
CA TYR B 67 -10.01 4.91 10.87
C TYR B 67 -11.04 4.72 11.94
N THR B 68 -11.94 5.68 12.03
CA THR B 68 -13.02 5.66 13.00
C THR B 68 -14.19 6.51 12.49
N GLU B 69 -15.40 6.10 12.87
CA GLU B 69 -16.64 6.80 12.52
C GLU B 69 -16.60 8.06 13.36
N PHE B 70 -17.13 9.15 12.83
CA PHE B 70 -17.10 10.38 13.60
C PHE B 70 -18.06 11.32 12.93
N THR B 71 -18.60 12.27 13.68
CA THR B 71 -19.55 13.23 13.14
C THR B 71 -18.91 14.57 13.40
N PRO B 72 -18.30 15.18 12.38
CA PRO B 72 -17.64 16.49 12.51
C PRO B 72 -18.62 17.52 13.02
N THR B 73 -18.12 18.54 13.69
CA THR B 73 -18.94 19.64 14.18
C THR B 73 -17.96 20.79 14.08
N GLU B 74 -18.41 22.03 14.24
CA GLU B 74 -17.45 23.11 14.14
C GLU B 74 -16.58 23.21 15.38
N LYS B 75 -17.12 22.77 16.52
CA LYS B 75 -16.40 22.83 17.79
C LYS B 75 -15.35 21.76 18.01
N ASP B 76 -15.56 20.55 17.50
CA ASP B 76 -14.62 19.47 17.73
C ASP B 76 -13.34 19.46 16.88
N GLU B 77 -12.21 19.29 17.56
CA GLU B 77 -10.90 19.23 16.90
C GLU B 77 -10.46 17.76 16.88
N TYR B 78 -10.08 17.28 15.70
CA TYR B 78 -9.60 15.91 15.54
C TYR B 78 -8.13 15.90 15.10
N ALA B 79 -7.40 14.87 15.55
CA ALA B 79 -5.99 14.76 15.23
C ALA B 79 -5.50 13.31 15.23
N CYS B 80 -4.33 13.10 14.64
CA CYS B 80 -3.69 11.79 14.60
C CYS B 80 -2.36 11.94 15.35
N ARG B 81 -2.06 11.01 16.25
CA ARG B 81 -0.80 11.06 17.02
C ARG B 81 -0.04 9.80 16.59
N VAL B 82 1.14 10.00 16.02
CA VAL B 82 1.94 8.88 15.53
C VAL B 82 3.29 8.78 16.17
N ASN B 83 3.65 7.57 16.60
CA ASN B 83 4.97 7.31 17.14
C ASN B 83 5.60 6.16 16.36
N HIS B 84 6.86 6.37 15.97
CA HIS B 84 7.68 5.41 15.22
C HIS B 84 9.12 5.61 15.71
N VAL B 85 9.96 4.58 15.57
CA VAL B 85 11.37 4.66 15.97
C VAL B 85 12.13 5.89 15.46
N THR B 86 11.80 6.37 14.27
CA THR B 86 12.45 7.56 13.68
C THR B 86 12.03 8.89 14.34
N LEU B 87 11.09 8.82 15.28
CA LEU B 87 10.57 10.01 15.96
C LEU B 87 10.95 10.07 17.44
N SER B 88 11.42 11.23 17.89
CA SER B 88 11.83 11.47 19.29
C SER B 88 10.64 11.39 20.24
N GLN B 89 9.58 12.13 19.88
CA GLN B 89 8.31 12.18 20.63
C GLN B 89 7.23 11.92 19.58
N PRO B 90 6.01 11.62 20.01
CA PRO B 90 4.96 11.37 19.01
C PRO B 90 4.67 12.61 18.17
N LYS B 91 4.38 12.41 16.89
CA LYS B 91 4.07 13.53 16.02
C LYS B 91 2.56 13.61 15.94
N ILE B 92 2.03 14.82 16.11
CA ILE B 92 0.60 15.08 16.07
C ILE B 92 0.24 15.93 14.85
N VAL B 93 -0.67 15.41 14.04
CA VAL B 93 -1.14 16.10 12.83
C VAL B 93 -2.62 16.34 13.08
N LYS B 94 -3.05 17.59 13.01
CA LYS B 94 -4.46 17.95 13.22
C LYS B 94 -5.23 17.81 11.92
N TRP B 95 -6.46 17.33 12.02
CA TRP B 95 -7.29 17.18 10.84
C TRP B 95 -7.67 18.59 10.32
N ASP B 96 -7.39 18.81 9.05
CA ASP B 96 -7.69 20.05 8.36
C ASP B 96 -8.71 19.60 7.31
N ARG B 97 -9.93 20.08 7.49
CA ARG B 97 -11.07 19.78 6.63
C ARG B 97 -10.76 19.97 5.12
N ASP B 98 -9.76 20.80 4.84
CA ASP B 98 -9.36 21.10 3.47
C ASP B 98 -8.07 20.41 3.04
N MET B 99 -7.69 19.33 3.71
CA MET B 99 -6.46 18.61 3.39
C MET B 99 -6.72 17.10 3.21
N GLY C 1 -4.01 -17.57 -5.05
CA GLY C 1 -3.37 -18.81 -4.44
C GLY C 1 -1.93 -18.52 -4.07
N GLY C 2 -1.52 -18.86 -2.85
CA GLY C 2 -0.15 -18.59 -2.40
C GLY C 2 0.93 -19.44 -3.03
N LYS C 3 2.17 -18.99 -2.92
CA LYS C 3 3.34 -19.69 -3.48
C LYS C 3 4.16 -20.33 -2.37
N LYS C 4 4.73 -21.49 -2.62
CA LYS C 4 5.60 -22.12 -1.64
C LYS C 4 6.89 -21.34 -1.65
N LYS C 5 7.31 -20.84 -0.51
CA LYS C 5 8.54 -20.07 -0.43
C LYS C 5 9.73 -20.99 -0.08
N TYR C 6 10.92 -20.56 -0.46
CA TYR C 6 12.15 -21.31 -0.20
C TYR C 6 13.05 -20.57 0.77
N GLN C 7 13.78 -21.32 1.59
CA GLN C 7 14.68 -20.73 2.57
C GLN C 7 15.82 -19.93 1.89
N LEU C 8 16.03 -18.68 2.31
CA LEU C 8 17.10 -17.84 1.78
C LEU C 8 18.44 -18.31 2.37
#